data_1IW1
#
_entry.id   1IW1
#
_cell.length_a   53.865
_cell.length_b   62.837
_cell.length_c   107.208
_cell.angle_alpha   90.00
_cell.angle_beta   101.02
_cell.angle_gamma   90.00
#
_symmetry.space_group_name_H-M   'P 1 21 1'
#
loop_
_entity.id
_entity.type
_entity.pdbx_description
1 polymer 'Heme oxygenase'
2 branched beta-D-fructofuranose-(2-1)-alpha-D-glucopyranose
3 non-polymer 'PROTOPORPHYRIN IX CONTAINING FE'
4 non-polymer 'SULFATE ION'
5 water water
#
_entity_poly.entity_id   1
_entity_poly.type   'polypeptide(L)'
_entity_poly.pdbx_seq_one_letter_code
;MTTATAGLAVELKQSTAQAHEKAEHSTFMSDLLKGRLGVAEFTRLQEQAWLFYTALEQAVDAVRASGFAESLLDPALNRA
EVLARDLDKLNGSSEWRSRITASPAVIDYVNRLEEIRDNVDGPALVAHHYVRYLGDLSGGQVIARMMQRHYGVDPEALGF
YHFEGIAKLKVYKDEYREKLNNLELSDEQREHLLKEATDAFVFNHQVFADLGKGL
;
_entity_poly.pdbx_strand_id   A,B,C
#
# COMPACT_ATOMS: atom_id res chain seq x y z
N THR A 2 17.05 -18.27 -0.67
CA THR A 2 17.49 -17.16 -1.57
C THR A 2 18.52 -16.29 -0.87
N THR A 3 19.59 -15.97 -1.59
CA THR A 3 20.61 -15.05 -1.08
C THR A 3 20.81 -13.83 -1.98
N ALA A 4 21.29 -12.73 -1.38
CA ALA A 4 21.55 -11.49 -2.12
C ALA A 4 23.03 -11.19 -2.18
N THR A 5 23.85 -12.02 -1.52
CA THR A 5 25.29 -11.79 -1.45
C THR A 5 26.02 -12.27 -2.71
N ALA A 6 25.28 -12.87 -3.63
CA ALA A 6 25.86 -13.39 -4.85
C ALA A 6 25.47 -12.56 -6.07
N GLY A 7 24.82 -11.42 -5.85
CA GLY A 7 24.45 -10.56 -6.96
C GLY A 7 22.98 -10.67 -7.32
N LEU A 8 22.49 -9.65 -8.01
CA LEU A 8 21.10 -9.63 -8.41
C LEU A 8 20.66 -10.77 -9.33
N ALA A 9 21.51 -11.14 -10.27
CA ALA A 9 21.15 -12.17 -11.24
C ALA A 9 20.80 -13.48 -10.52
N VAL A 10 21.63 -13.83 -9.56
CA VAL A 10 21.38 -15.03 -8.76
C VAL A 10 20.17 -14.87 -7.85
N GLU A 11 20.03 -13.71 -7.22
CA GLU A 11 18.90 -13.48 -6.34
C GLU A 11 17.58 -13.60 -7.13
N LEU A 12 17.57 -13.06 -8.35
CA LEU A 12 16.39 -13.15 -9.23
C LEU A 12 16.04 -14.55 -9.57
N LYS A 13 17.05 -15.30 -9.99
CA LYS A 13 16.86 -16.69 -10.37
C LYS A 13 16.27 -17.49 -9.20
N GLN A 14 16.86 -17.32 -8.03
CA GLN A 14 16.40 -18.06 -6.88
C GLN A 14 15.02 -17.59 -6.37
N SER A 15 14.81 -16.27 -6.31
CA SER A 15 13.55 -15.72 -5.81
C SER A 15 12.36 -16.10 -6.67
N THR A 16 12.60 -16.25 -7.99
CA THR A 16 11.52 -16.60 -8.90
C THR A 16 11.45 -18.07 -9.28
N ALA A 17 12.29 -18.91 -8.67
CA ALA A 17 12.36 -20.30 -9.10
C ALA A 17 11.01 -21.02 -8.97
N GLN A 18 10.31 -20.82 -7.86
CA GLN A 18 9.03 -21.47 -7.68
C GLN A 18 8.00 -20.99 -8.69
N ALA A 19 7.98 -19.68 -8.92
CA ALA A 19 7.05 -19.11 -9.88
C ALA A 19 7.35 -19.55 -11.31
N HIS A 20 8.63 -19.71 -11.63
CA HIS A 20 9.03 -20.24 -12.94
C HIS A 20 8.54 -21.66 -13.14
N GLU A 21 8.71 -22.50 -12.11
CA GLU A 21 8.24 -23.86 -12.19
C GLU A 21 6.75 -23.91 -12.44
N LYS A 22 5.99 -23.06 -11.76
CA LYS A 22 4.54 -23.02 -11.94
C LYS A 22 4.12 -22.63 -13.35
N ALA A 23 4.81 -21.66 -13.91
CA ALA A 23 4.50 -21.21 -15.26
C ALA A 23 4.88 -22.29 -16.28
N GLU A 24 6.12 -22.77 -16.19
CA GLU A 24 6.66 -23.78 -17.10
C GLU A 24 5.82 -25.02 -17.18
N HIS A 25 5.25 -25.44 -16.06
CA HIS A 25 4.48 -26.67 -15.98
C HIS A 25 2.98 -26.49 -16.02
N SER A 26 2.54 -25.31 -16.44
CA SER A 26 1.12 -25.09 -16.60
C SER A 26 0.56 -26.14 -17.57
N THR A 27 -0.65 -26.63 -17.31
CA THR A 27 -1.24 -27.66 -18.18
C THR A 27 -1.23 -27.32 -19.67
N PHE A 28 -1.54 -26.09 -20.02
CA PHE A 28 -1.55 -25.70 -21.41
C PHE A 28 -0.17 -25.85 -22.03
N MET A 29 0.88 -25.30 -21.40
CA MET A 29 2.20 -25.38 -21.97
C MET A 29 2.71 -26.82 -21.98
N SER A 30 2.42 -27.56 -20.93
CA SER A 30 2.86 -28.94 -20.86
C SER A 30 2.22 -29.74 -22.02
N ASP A 31 0.93 -29.57 -22.23
CA ASP A 31 0.24 -30.26 -23.33
C ASP A 31 0.76 -29.80 -24.69
N LEU A 32 1.06 -28.51 -24.83
CA LEU A 32 1.57 -28.00 -26.07
C LEU A 32 2.92 -28.65 -26.41
N LEU A 33 3.83 -28.69 -25.44
CA LEU A 33 5.18 -29.18 -25.70
C LEU A 33 5.28 -30.67 -25.89
N LYS A 34 4.34 -31.42 -25.31
CA LYS A 34 4.39 -32.88 -25.45
C LYS A 34 3.67 -33.39 -26.69
N GLY A 35 3.13 -32.48 -27.48
CA GLY A 35 2.46 -32.80 -28.73
C GLY A 35 0.97 -33.05 -28.68
N ARG A 36 0.35 -32.73 -27.56
CA ARG A 36 -1.08 -33.00 -27.37
C ARG A 36 -2.04 -31.96 -27.96
N LEU A 37 -1.51 -30.79 -28.31
CA LEU A 37 -2.34 -29.72 -28.86
C LEU A 37 -2.08 -29.60 -30.35
N GLY A 38 -1.72 -28.42 -30.84
CA GLY A 38 -1.47 -28.22 -32.24
C GLY A 38 -1.10 -26.79 -32.58
N VAL A 39 -0.94 -26.53 -33.86
CA VAL A 39 -0.51 -25.22 -34.33
C VAL A 39 -1.58 -24.18 -34.03
N ALA A 40 -2.85 -24.59 -34.03
CA ALA A 40 -3.91 -23.61 -33.71
C ALA A 40 -3.68 -23.07 -32.30
N GLU A 41 -3.41 -23.94 -31.33
CA GLU A 41 -3.22 -23.49 -29.96
C GLU A 41 -1.96 -22.67 -29.84
N PHE A 42 -0.91 -23.05 -30.55
CA PHE A 42 0.32 -22.25 -30.57
C PHE A 42 0.06 -20.84 -31.13
N THR A 43 -0.76 -20.76 -32.17
CA THR A 43 -1.10 -19.47 -32.77
C THR A 43 -1.89 -18.63 -31.77
N ARG A 44 -2.80 -19.25 -31.02
CA ARG A 44 -3.57 -18.50 -30.02
C ARG A 44 -2.61 -17.92 -28.98
N LEU A 45 -1.61 -18.70 -28.58
CA LEU A 45 -0.64 -18.24 -27.61
C LEU A 45 0.13 -17.05 -28.17
N GLN A 46 0.55 -17.15 -29.42
CA GLN A 46 1.36 -16.11 -30.05
C GLN A 46 0.56 -14.81 -30.26
N GLU A 47 -0.73 -14.93 -30.46
CA GLU A 47 -1.63 -13.76 -30.58
C GLU A 47 -1.70 -13.01 -29.24
N GLN A 48 -1.86 -13.76 -28.15
CA GLN A 48 -1.87 -13.15 -26.84
C GLN A 48 -0.49 -12.54 -26.56
N ALA A 49 0.57 -13.26 -26.88
CA ALA A 49 1.92 -12.76 -26.70
C ALA A 49 2.13 -11.45 -27.47
N TRP A 50 1.57 -11.32 -28.66
CA TRP A 50 1.75 -10.09 -29.41
C TRP A 50 1.15 -8.92 -28.61
N LEU A 51 0.01 -9.14 -27.98
CA LEU A 51 -0.60 -8.09 -27.20
C LEU A 51 0.28 -7.69 -26.03
N PHE A 52 0.83 -8.63 -25.28
CA PHE A 52 1.65 -8.23 -24.14
C PHE A 52 3.06 -7.79 -24.50
N TYR A 53 3.65 -8.38 -25.55
CA TYR A 53 4.95 -7.85 -26.04
C TYR A 53 4.85 -6.42 -26.51
N THR A 54 3.75 -6.08 -27.18
CA THR A 54 3.53 -4.71 -27.62
C THR A 54 3.58 -3.79 -26.40
N ALA A 55 2.83 -4.14 -25.35
CA ALA A 55 2.83 -3.34 -24.11
C ALA A 55 4.21 -3.30 -23.45
N LEU A 56 4.84 -4.46 -23.34
CA LEU A 56 6.17 -4.55 -22.78
C LEU A 56 7.15 -3.64 -23.45
N GLU A 57 7.16 -3.67 -24.79
CA GLU A 57 8.17 -2.94 -25.57
C GLU A 57 7.95 -1.43 -25.55
N GLN A 58 6.70 -1.03 -25.35
CA GLN A 58 6.41 0.39 -25.13
C GLN A 58 7.01 0.81 -23.79
N ALA A 59 6.85 -0.03 -22.78
CA ALA A 59 7.41 0.25 -21.47
C ALA A 59 8.93 0.28 -21.52
N VAL A 60 9.51 -0.65 -22.27
CA VAL A 60 10.96 -0.67 -22.43
C VAL A 60 11.44 0.63 -23.08
N ASP A 61 10.74 1.10 -24.11
CA ASP A 61 11.13 2.32 -24.78
C ASP A 61 11.13 3.49 -23.80
N ALA A 62 10.08 3.57 -22.95
CA ALA A 62 9.97 4.65 -21.96
C ALA A 62 11.14 4.62 -21.00
N VAL A 63 11.40 3.46 -20.42
CA VAL A 63 12.44 3.37 -19.42
C VAL A 63 13.84 3.56 -20.03
N ARG A 64 14.09 2.96 -21.20
CA ARG A 64 15.37 3.15 -21.89
C ARG A 64 15.59 4.65 -22.14
N ALA A 65 14.55 5.33 -22.59
CA ALA A 65 14.65 6.77 -22.87
C ALA A 65 15.00 7.56 -21.61
N SER A 66 14.51 7.10 -20.48
CA SER A 66 14.75 7.76 -19.18
C SER A 66 16.22 7.67 -18.76
N GLY A 67 16.94 6.72 -19.34
CA GLY A 67 18.36 6.49 -19.07
C GLY A 67 18.65 5.34 -18.10
N PHE A 68 17.60 4.69 -17.65
CA PHE A 68 17.72 3.62 -16.65
C PHE A 68 17.98 2.29 -17.34
N ALA A 69 18.99 1.56 -16.87
CA ALA A 69 19.34 0.25 -17.44
C ALA A 69 19.49 0.24 -18.98
N GLU A 70 20.04 1.31 -19.53
CA GLU A 70 20.08 1.46 -20.96
C GLU A 70 20.76 0.30 -21.70
N SER A 71 21.93 -0.15 -21.23
CA SER A 71 22.66 -1.20 -21.93
C SER A 71 21.96 -2.56 -21.86
N LEU A 72 21.18 -2.78 -20.80
CA LEU A 72 20.41 -4.01 -20.67
C LEU A 72 19.25 -4.07 -21.70
N LEU A 73 18.65 -2.91 -21.95
CA LEU A 73 17.47 -2.80 -22.78
C LEU A 73 17.80 -2.73 -24.26
N ASP A 74 18.44 -3.77 -24.73
CA ASP A 74 18.89 -3.84 -26.10
C ASP A 74 17.73 -3.90 -27.09
N PRO A 75 17.61 -2.95 -28.02
CA PRO A 75 16.52 -3.00 -29.00
C PRO A 75 16.53 -4.22 -29.91
N ALA A 76 17.67 -4.91 -29.99
CA ALA A 76 17.69 -6.11 -30.82
C ALA A 76 16.75 -7.17 -30.26
N LEU A 77 16.42 -7.06 -28.98
CA LEU A 77 15.47 -7.98 -28.36
C LEU A 77 13.99 -7.78 -28.73
N ASN A 78 13.64 -6.62 -29.29
CA ASN A 78 12.26 -6.36 -29.61
C ASN A 78 11.70 -7.46 -30.50
N ARG A 79 10.55 -7.96 -30.10
CA ARG A 79 9.86 -9.06 -30.73
C ARG A 79 8.55 -8.70 -31.44
N ALA A 80 7.95 -7.55 -31.14
CA ALA A 80 6.60 -7.31 -31.65
C ALA A 80 6.48 -7.39 -33.17
N GLU A 81 7.42 -6.81 -33.91
CA GLU A 81 7.37 -6.80 -35.38
C GLU A 81 7.58 -8.20 -35.95
N VAL A 82 8.58 -8.92 -35.46
CA VAL A 82 8.80 -10.26 -35.99
C VAL A 82 7.62 -11.17 -35.64
N LEU A 83 7.05 -11.00 -34.45
CA LEU A 83 5.92 -11.79 -34.05
C LEU A 83 4.71 -11.55 -34.95
N ALA A 84 4.49 -10.29 -35.32
CA ALA A 84 3.41 -9.97 -36.24
C ALA A 84 3.63 -10.67 -37.59
N ARG A 85 4.86 -10.75 -38.04
CA ARG A 85 5.19 -11.48 -39.27
C ARG A 85 4.91 -12.96 -39.10
N ASP A 86 5.27 -13.53 -37.94
CA ASP A 86 4.97 -14.91 -37.70
C ASP A 86 3.47 -15.17 -37.78
N LEU A 87 2.69 -14.26 -37.17
CA LEU A 87 1.25 -14.41 -37.11
C LEU A 87 0.65 -14.29 -38.50
N ASP A 88 1.23 -13.43 -39.31
CA ASP A 88 0.77 -13.31 -40.71
C ASP A 88 0.93 -14.68 -41.39
N LYS A 89 2.04 -15.36 -41.14
CA LYS A 89 2.25 -16.68 -41.75
C LYS A 89 1.33 -17.73 -41.17
N LEU A 90 1.23 -17.79 -39.84
CA LEU A 90 0.43 -18.80 -39.19
C LEU A 90 -1.05 -18.69 -39.53
N ASN A 91 -1.52 -17.47 -39.65
CA ASN A 91 -2.95 -17.24 -39.91
C ASN A 91 -3.29 -17.10 -41.40
N GLY A 92 -2.28 -16.89 -42.22
CA GLY A 92 -2.47 -16.80 -43.67
C GLY A 92 -2.77 -15.43 -44.21
N SER A 93 -2.90 -14.47 -43.32
CA SER A 93 -3.16 -13.10 -43.70
C SER A 93 -3.08 -12.22 -42.47
N SER A 94 -3.43 -10.95 -42.64
CA SER A 94 -3.44 -9.97 -41.56
C SER A 94 -4.77 -9.91 -40.81
N GLU A 95 -5.68 -10.83 -41.14
CA GLU A 95 -7.01 -10.87 -40.52
C GLU A 95 -6.99 -10.86 -39.00
N TRP A 96 -5.97 -11.50 -38.44
CA TRP A 96 -5.87 -11.64 -37.02
C TRP A 96 -5.86 -10.31 -36.27
N ARG A 97 -5.31 -9.27 -36.88
CA ARG A 97 -5.19 -7.98 -36.20
C ARG A 97 -6.55 -7.45 -35.73
N SER A 98 -7.57 -7.63 -36.54
CA SER A 98 -8.89 -7.14 -36.19
C SER A 98 -9.76 -8.17 -35.44
N ARG A 99 -9.30 -9.41 -35.36
CA ARG A 99 -10.04 -10.49 -34.73
C ARG A 99 -9.61 -10.70 -33.28
N ILE A 100 -8.30 -10.64 -33.02
CA ILE A 100 -7.87 -11.02 -31.66
C ILE A 100 -8.35 -10.11 -30.55
N THR A 101 -8.55 -10.73 -29.40
CA THR A 101 -8.95 -9.99 -28.21
C THR A 101 -8.13 -10.53 -27.05
N ALA A 102 -7.82 -9.64 -26.11
CA ALA A 102 -7.04 -10.02 -24.95
C ALA A 102 -7.88 -10.86 -24.03
N SER A 103 -7.28 -11.93 -23.56
CA SER A 103 -7.91 -12.74 -22.54
C SER A 103 -7.90 -11.92 -21.23
N PRO A 104 -8.68 -12.34 -20.23
CA PRO A 104 -8.65 -11.64 -18.95
C PRO A 104 -7.21 -11.54 -18.39
N ALA A 105 -6.44 -12.61 -18.58
CA ALA A 105 -5.09 -12.61 -18.05
C ALA A 105 -4.26 -11.55 -18.71
N VAL A 106 -4.42 -11.44 -20.03
CA VAL A 106 -3.65 -10.50 -20.81
C VAL A 106 -4.08 -9.06 -20.51
N ILE A 107 -5.35 -8.86 -20.26
CA ILE A 107 -5.81 -7.53 -19.84
C ILE A 107 -5.04 -7.09 -18.62
N ASP A 108 -4.95 -7.95 -17.60
CA ASP A 108 -4.23 -7.61 -16.41
C ASP A 108 -2.75 -7.35 -16.65
N TYR A 109 -2.13 -8.23 -17.44
CA TYR A 109 -0.72 -8.15 -17.74
C TYR A 109 -0.39 -6.86 -18.50
N VAL A 110 -1.16 -6.61 -19.55
CA VAL A 110 -1.00 -5.37 -20.33
C VAL A 110 -1.22 -4.13 -19.46
N ASN A 111 -2.24 -4.16 -18.61
CA ASN A 111 -2.50 -3.01 -17.74
C ASN A 111 -1.30 -2.73 -16.86
N ARG A 112 -0.68 -3.75 -16.31
CA ARG A 112 0.48 -3.53 -15.47
C ARG A 112 1.64 -2.97 -16.25
N LEU A 113 1.88 -3.51 -17.44
CA LEU A 113 2.96 -3.03 -18.29
C LEU A 113 2.74 -1.56 -18.70
N GLU A 114 1.50 -1.19 -18.94
CA GLU A 114 1.16 0.17 -19.30
C GLU A 114 1.34 1.12 -18.11
N GLU A 115 1.09 0.62 -16.90
CA GLU A 115 1.33 1.37 -15.66
C GLU A 115 2.84 1.59 -15.48
N ILE A 116 3.64 0.56 -15.75
CA ILE A 116 5.07 0.70 -15.67
C ILE A 116 5.58 1.71 -16.66
N ARG A 117 5.02 1.66 -17.87
CA ARG A 117 5.36 2.63 -18.90
C ARG A 117 5.02 4.04 -18.45
N ASP A 118 3.80 4.22 -17.97
CA ASP A 118 3.30 5.55 -17.58
C ASP A 118 4.09 6.12 -16.45
N ASN A 119 4.41 5.26 -15.48
CA ASN A 119 5.19 5.67 -14.32
C ASN A 119 6.68 5.71 -14.61
N VAL A 120 7.07 5.20 -15.79
CA VAL A 120 8.46 5.05 -16.12
C VAL A 120 9.24 4.39 -14.94
N ASP A 121 8.72 3.24 -14.51
CA ASP A 121 9.21 2.50 -13.33
C ASP A 121 10.35 1.58 -13.77
N GLY A 122 11.59 2.06 -13.69
CA GLY A 122 12.72 1.32 -14.19
C GLY A 122 12.88 -0.05 -13.54
N PRO A 123 12.95 -0.12 -12.22
CA PRO A 123 13.10 -1.43 -11.58
C PRO A 123 12.00 -2.43 -11.99
N ALA A 124 10.75 -2.02 -12.01
CA ALA A 124 9.68 -2.92 -12.37
C ALA A 124 9.86 -3.36 -13.82
N LEU A 125 10.22 -2.45 -14.72
CA LEU A 125 10.44 -2.83 -16.11
C LEU A 125 11.53 -3.87 -16.28
N VAL A 126 12.65 -3.68 -15.60
CA VAL A 126 13.75 -4.64 -15.68
C VAL A 126 13.27 -6.02 -15.28
N ALA A 127 12.47 -6.11 -14.24
CA ALA A 127 11.90 -7.38 -13.80
C ALA A 127 11.14 -8.06 -14.97
N HIS A 128 10.24 -7.32 -15.62
CA HIS A 128 9.45 -7.86 -16.70
C HIS A 128 10.28 -8.23 -17.93
N HIS A 129 11.35 -7.48 -18.20
CA HIS A 129 12.26 -7.67 -19.31
C HIS A 129 13.01 -9.00 -19.11
N TYR A 130 13.51 -9.17 -17.89
CA TYR A 130 14.23 -10.39 -17.53
C TYR A 130 13.32 -11.61 -17.70
N VAL A 131 12.14 -11.57 -17.14
CA VAL A 131 11.24 -12.72 -17.15
C VAL A 131 10.91 -13.12 -18.59
N ARG A 132 10.55 -12.17 -19.43
CA ARG A 132 10.18 -12.54 -20.79
C ARG A 132 11.39 -12.87 -21.66
N TYR A 133 12.35 -11.96 -21.77
CA TYR A 133 13.42 -12.16 -22.75
C TYR A 133 14.37 -13.26 -22.38
N LEU A 134 14.73 -13.36 -21.11
CA LEU A 134 15.63 -14.47 -20.76
C LEU A 134 14.90 -15.81 -20.91
N GLY A 135 13.59 -15.81 -20.70
CA GLY A 135 12.77 -16.99 -20.93
C GLY A 135 12.79 -17.36 -22.41
N ASP A 136 12.65 -16.37 -23.29
CA ASP A 136 12.66 -16.62 -24.74
C ASP A 136 13.98 -17.19 -25.22
N LEU A 137 15.05 -16.69 -24.62
CA LEU A 137 16.41 -17.11 -24.92
C LEU A 137 16.75 -18.45 -24.24
N SER A 138 15.82 -18.99 -23.49
CA SER A 138 16.05 -20.23 -22.73
C SER A 138 14.98 -21.26 -23.11
N GLY A 139 13.90 -21.34 -22.34
CA GLY A 139 12.77 -22.22 -22.64
C GLY A 139 12.20 -22.03 -24.03
N GLY A 140 12.21 -20.79 -24.49
CA GLY A 140 11.72 -20.49 -25.82
C GLY A 140 12.34 -21.34 -26.91
N GLN A 141 13.62 -21.61 -26.78
CA GLN A 141 14.31 -22.42 -27.76
C GLN A 141 13.77 -23.83 -27.84
N VAL A 142 13.34 -24.36 -26.70
CA VAL A 142 12.73 -25.70 -26.66
C VAL A 142 11.35 -25.62 -27.32
N ILE A 143 10.59 -24.56 -27.01
CA ILE A 143 9.28 -24.38 -27.62
C ILE A 143 9.39 -24.38 -29.14
N ALA A 144 10.34 -23.61 -29.70
CA ALA A 144 10.49 -23.55 -31.13
C ALA A 144 10.75 -24.96 -31.70
N ARG A 145 11.69 -25.68 -31.10
CA ARG A 145 12.02 -27.00 -31.62
C ARG A 145 10.78 -27.91 -31.55
N MET A 146 9.97 -27.81 -30.49
CA MET A 146 8.81 -28.67 -30.38
C MET A 146 7.70 -28.31 -31.35
N MET A 147 7.60 -27.04 -31.73
CA MET A 147 6.59 -26.69 -32.73
C MET A 147 6.96 -27.29 -34.06
N GLN A 148 8.23 -27.29 -34.37
CA GLN A 148 8.69 -27.92 -35.60
C GLN A 148 8.49 -29.43 -35.50
N ARG A 149 8.90 -30.02 -34.40
CA ARG A 149 8.89 -31.49 -34.30
C ARG A 149 7.50 -32.11 -34.21
N HIS A 150 6.69 -31.62 -33.31
CA HIS A 150 5.40 -32.23 -33.07
C HIS A 150 4.36 -31.77 -34.09
N TYR A 151 4.45 -30.52 -34.55
CA TYR A 151 3.38 -29.96 -35.36
C TYR A 151 3.79 -29.53 -36.76
N GLY A 152 5.08 -29.65 -37.08
CA GLY A 152 5.53 -29.30 -38.42
C GLY A 152 5.42 -27.83 -38.75
N VAL A 153 5.53 -26.97 -37.75
CA VAL A 153 5.46 -25.53 -38.02
C VAL A 153 6.71 -25.14 -38.79
N ASP A 154 6.53 -24.32 -39.82
CA ASP A 154 7.63 -23.87 -40.63
C ASP A 154 8.54 -22.99 -39.81
N PRO A 155 9.86 -23.17 -39.89
CA PRO A 155 10.76 -22.31 -39.10
C PRO A 155 10.59 -20.84 -39.40
N GLU A 156 10.16 -20.51 -40.59
CA GLU A 156 10.01 -19.10 -40.91
C GLU A 156 8.88 -18.43 -40.14
N ALA A 157 7.99 -19.24 -39.50
CA ALA A 157 6.89 -18.72 -38.70
C ALA A 157 7.29 -18.78 -37.22
N LEU A 158 8.57 -18.99 -36.94
CA LEU A 158 9.08 -19.05 -35.56
C LEU A 158 10.17 -17.99 -35.36
N GLY A 159 10.17 -16.95 -36.19
CA GLY A 159 11.09 -15.86 -36.04
C GLY A 159 11.16 -15.24 -34.65
N PHE A 160 10.03 -15.26 -33.96
CA PHE A 160 10.00 -14.82 -32.55
C PHE A 160 11.15 -15.40 -31.72
N TYR A 161 11.49 -16.68 -31.96
CA TYR A 161 12.47 -17.38 -31.15
C TYR A 161 13.87 -17.26 -31.66
N HIS A 162 14.03 -16.71 -32.86
CA HIS A 162 15.33 -16.73 -33.54
C HIS A 162 16.31 -15.61 -33.26
N PHE A 163 15.83 -14.53 -32.63
CA PHE A 163 16.65 -13.36 -32.30
C PHE A 163 17.69 -12.97 -33.34
N GLU A 164 17.17 -12.60 -34.50
CA GLU A 164 18.03 -12.03 -35.53
C GLU A 164 18.80 -10.86 -34.98
N GLY A 165 20.12 -10.86 -35.20
CA GLY A 165 20.99 -9.80 -34.72
C GLY A 165 21.86 -10.17 -33.54
N ILE A 166 21.52 -11.26 -32.87
CA ILE A 166 22.30 -11.73 -31.76
C ILE A 166 23.05 -12.96 -32.22
N ALA A 167 24.37 -12.94 -32.06
CA ALA A 167 25.19 -14.08 -32.47
C ALA A 167 25.13 -15.17 -31.40
N LYS A 168 26.12 -15.21 -30.52
CA LYS A 168 26.23 -16.23 -29.47
C LYS A 168 25.22 -16.04 -28.34
N LEU A 169 24.32 -17.01 -28.20
CA LEU A 169 23.23 -16.94 -27.25
C LEU A 169 23.60 -17.07 -25.78
N LYS A 170 24.44 -18.05 -25.46
CA LYS A 170 24.82 -18.23 -24.06
C LYS A 170 25.66 -17.05 -23.58
N VAL A 171 26.53 -16.57 -24.46
CA VAL A 171 27.38 -15.40 -24.18
C VAL A 171 26.46 -14.22 -23.92
N TYR A 172 25.43 -14.08 -24.75
CA TYR A 172 24.49 -12.96 -24.57
C TYR A 172 23.82 -13.01 -23.21
N LYS A 173 23.36 -14.18 -22.78
CA LYS A 173 22.74 -14.29 -21.47
C LYS A 173 23.70 -14.02 -20.34
N ASP A 174 24.93 -14.48 -20.48
CA ASP A 174 25.92 -14.22 -19.47
C ASP A 174 26.19 -12.71 -19.33
N GLU A 175 26.24 -12.02 -20.46
CA GLU A 175 26.44 -10.57 -20.45
C GLU A 175 25.22 -9.87 -19.88
N TYR A 176 24.03 -10.42 -20.15
CA TYR A 176 22.81 -9.85 -19.60
C TYR A 176 22.84 -9.92 -18.06
N ARG A 177 23.22 -11.08 -17.52
CA ARG A 177 23.30 -11.22 -16.08
C ARG A 177 24.36 -10.29 -15.46
N GLU A 178 25.46 -10.09 -16.16
CA GLU A 178 26.50 -9.18 -15.71
C GLU A 178 25.93 -7.76 -15.64
N LYS A 179 25.15 -7.38 -16.65
CA LYS A 179 24.51 -6.08 -16.61
C LYS A 179 23.53 -5.98 -15.43
N LEU A 180 22.78 -7.05 -15.14
CA LEU A 180 21.91 -7.02 -13.98
C LEU A 180 22.70 -6.78 -12.69
N ASN A 181 23.81 -7.49 -12.58
CA ASN A 181 24.63 -7.37 -11.39
C ASN A 181 25.22 -5.97 -11.22
N ASN A 182 25.41 -5.27 -12.35
CA ASN A 182 25.99 -3.93 -12.34
C ASN A 182 24.98 -2.81 -12.18
N LEU A 183 23.70 -3.13 -12.14
CA LEU A 183 22.68 -2.09 -11.98
C LEU A 183 22.77 -1.48 -10.61
N GLU A 184 22.77 -0.15 -10.55
CA GLU A 184 22.84 0.53 -9.27
C GLU A 184 21.44 0.69 -8.73
N LEU A 185 21.08 -0.15 -7.77
CA LEU A 185 19.76 -0.14 -7.19
C LEU A 185 19.82 0.07 -5.69
N SER A 186 18.89 0.86 -5.18
CA SER A 186 18.72 1.04 -3.74
C SER A 186 18.07 -0.21 -3.21
N ASP A 187 18.07 -0.39 -1.90
CA ASP A 187 17.42 -1.57 -1.35
C ASP A 187 15.93 -1.59 -1.71
N GLU A 188 15.29 -0.43 -1.72
CA GLU A 188 13.86 -0.37 -2.04
C GLU A 188 13.64 -0.75 -3.49
N GLN A 189 14.50 -0.26 -4.38
CA GLN A 189 14.37 -0.56 -5.81
C GLN A 189 14.59 -2.04 -6.03
N ARG A 190 15.57 -2.61 -5.32
CA ARG A 190 15.86 -4.05 -5.50
C ARG A 190 14.69 -4.89 -5.03
N GLU A 191 14.12 -4.53 -3.88
CA GLU A 191 12.97 -5.25 -3.35
C GLU A 191 11.81 -5.17 -4.35
N HIS A 192 11.61 -3.98 -4.92
CA HIS A 192 10.52 -3.75 -5.86
C HIS A 192 10.71 -4.61 -7.12
N LEU A 193 11.93 -4.65 -7.59
CA LEU A 193 12.28 -5.43 -8.80
C LEU A 193 12.02 -6.91 -8.54
N LEU A 194 12.43 -7.41 -7.38
CA LEU A 194 12.24 -8.83 -7.09
C LEU A 194 10.79 -9.20 -6.96
N LYS A 195 10.01 -8.38 -6.30
CA LYS A 195 8.59 -8.67 -6.17
C LYS A 195 7.92 -8.65 -7.55
N GLU A 196 8.29 -7.66 -8.35
CA GLU A 196 7.71 -7.55 -9.68
C GLU A 196 8.04 -8.75 -10.55
N ALA A 197 9.21 -9.32 -10.37
CA ALA A 197 9.62 -10.45 -11.20
C ALA A 197 8.71 -11.65 -10.87
N THR A 198 8.42 -11.86 -9.60
CA THR A 198 7.47 -12.88 -9.28
C THR A 198 6.10 -12.58 -9.91
N ASP A 199 5.65 -11.32 -9.83
CA ASP A 199 4.37 -10.98 -10.43
C ASP A 199 4.39 -11.27 -11.94
N ALA A 200 5.50 -10.99 -12.61
CA ALA A 200 5.61 -11.27 -14.03
C ALA A 200 5.36 -12.74 -14.35
N PHE A 201 5.93 -13.62 -13.53
CA PHE A 201 5.71 -15.03 -13.74
C PHE A 201 4.26 -15.41 -13.45
N VAL A 202 3.68 -14.77 -12.43
CA VAL A 202 2.28 -15.03 -12.09
C VAL A 202 1.37 -14.64 -13.26
N PHE A 203 1.61 -13.48 -13.88
CA PHE A 203 0.82 -13.09 -15.04
C PHE A 203 0.95 -14.14 -16.14
N ASN A 204 2.18 -14.59 -16.38
CA ASN A 204 2.42 -15.56 -17.46
C ASN A 204 1.72 -16.91 -17.21
N HIS A 205 1.72 -17.36 -15.97
CA HIS A 205 0.99 -18.57 -15.65
C HIS A 205 -0.50 -18.40 -15.96
N GLN A 206 -1.06 -17.24 -15.58
CA GLN A 206 -2.49 -17.03 -15.80
C GLN A 206 -2.81 -16.94 -17.31
N VAL A 207 -1.89 -16.43 -18.11
CA VAL A 207 -2.08 -16.40 -19.55
C VAL A 207 -2.27 -17.84 -20.04
N PHE A 208 -1.42 -18.75 -19.56
CA PHE A 208 -1.53 -20.14 -19.97
C PHE A 208 -2.82 -20.75 -19.48
N ALA A 209 -3.19 -20.44 -18.23
CA ALA A 209 -4.46 -20.96 -17.70
C ALA A 209 -5.63 -20.52 -18.54
N ASP A 210 -5.68 -19.25 -18.87
CA ASP A 210 -6.80 -18.77 -19.68
C ASP A 210 -6.79 -19.38 -21.10
N LEU A 211 -5.62 -19.62 -21.67
CA LEU A 211 -5.54 -20.33 -22.96
C LEU A 211 -6.08 -21.75 -22.83
N GLY A 212 -5.83 -22.38 -21.69
CA GLY A 212 -6.29 -23.73 -21.46
C GLY A 212 -7.81 -23.83 -21.29
N LYS A 213 -8.45 -22.68 -21.05
CA LYS A 213 -9.91 -22.63 -20.92
C LYS A 213 -10.54 -22.25 -22.26
N GLY B 7 -27.45 -14.93 -9.34
CA GLY B 7 -26.37 -14.68 -8.36
C GLY B 7 -26.39 -13.26 -7.81
N LEU B 8 -26.02 -13.14 -6.53
CA LEU B 8 -25.90 -11.84 -5.91
C LEU B 8 -24.96 -10.88 -6.63
N ALA B 9 -23.84 -11.38 -7.15
CA ALA B 9 -22.87 -10.51 -7.80
C ALA B 9 -23.50 -9.77 -8.99
N VAL B 10 -24.22 -10.50 -9.82
CA VAL B 10 -24.85 -9.89 -10.97
C VAL B 10 -25.99 -8.94 -10.53
N GLU B 11 -26.74 -9.34 -9.53
CA GLU B 11 -27.83 -8.51 -9.07
C GLU B 11 -27.32 -7.20 -8.51
N LEU B 12 -26.21 -7.26 -7.77
CA LEU B 12 -25.61 -6.03 -7.27
C LEU B 12 -25.22 -5.10 -8.38
N LYS B 13 -24.55 -5.65 -9.39
CA LYS B 13 -24.07 -4.85 -10.51
C LYS B 13 -25.24 -4.19 -11.22
N GLN B 14 -26.27 -4.97 -11.49
CA GLN B 14 -27.40 -4.45 -12.26
C GLN B 14 -28.29 -3.50 -11.47
N SER B 15 -28.54 -3.83 -10.21
CA SER B 15 -29.40 -3.00 -9.41
C SER B 15 -28.77 -1.64 -9.07
N THR B 16 -27.43 -1.56 -9.10
CA THR B 16 -26.77 -0.31 -8.83
C THR B 16 -26.23 0.44 -10.05
N ALA B 17 -26.45 -0.11 -11.25
CA ALA B 17 -25.89 0.49 -12.44
C ALA B 17 -26.32 1.93 -12.64
N GLN B 18 -27.59 2.22 -12.43
CA GLN B 18 -28.06 3.57 -12.64
C GLN B 18 -27.35 4.55 -11.70
N ALA B 19 -27.23 4.14 -10.44
CA ALA B 19 -26.59 4.94 -9.40
C ALA B 19 -25.11 5.09 -9.68
N HIS B 20 -24.50 4.06 -10.26
CA HIS B 20 -23.10 4.14 -10.65
C HIS B 20 -22.87 5.17 -11.75
N GLU B 21 -23.70 5.13 -12.79
CA GLU B 21 -23.55 6.05 -13.90
C GLU B 21 -23.70 7.50 -13.42
N LYS B 22 -24.70 7.73 -12.58
CA LYS B 22 -24.93 9.09 -12.10
C LYS B 22 -23.76 9.60 -11.24
N ALA B 23 -23.15 8.73 -10.45
CA ALA B 23 -21.98 9.11 -9.64
C ALA B 23 -20.75 9.35 -10.53
N GLU B 24 -20.48 8.39 -11.42
CA GLU B 24 -19.34 8.47 -12.32
C GLU B 24 -19.39 9.71 -13.19
N HIS B 25 -20.59 10.09 -13.62
CA HIS B 25 -20.75 11.25 -14.49
C HIS B 25 -21.23 12.51 -13.78
N SER B 26 -21.03 12.59 -12.47
CA SER B 26 -21.37 13.79 -11.74
C SER B 26 -20.49 14.93 -12.26
N THR B 27 -20.92 16.16 -12.06
CA THR B 27 -20.17 17.32 -12.54
C THR B 27 -18.78 17.35 -11.94
N PHE B 28 -18.69 17.17 -10.63
CA PHE B 28 -17.39 17.21 -9.98
C PHE B 28 -16.48 16.12 -10.50
N MET B 29 -16.95 14.88 -10.54
CA MET B 29 -16.10 13.80 -10.99
C MET B 29 -15.73 13.85 -12.47
N SER B 30 -16.68 14.28 -13.30
CA SER B 30 -16.45 14.45 -14.74
C SER B 30 -15.35 15.48 -14.93
N ASP B 31 -15.48 16.60 -14.24
CA ASP B 31 -14.48 17.67 -14.33
C ASP B 31 -13.13 17.20 -13.84
N LEU B 32 -13.11 16.47 -12.72
CA LEU B 32 -11.86 16.02 -12.18
C LEU B 32 -11.16 15.08 -13.16
N LEU B 33 -11.90 14.09 -13.62
CA LEU B 33 -11.30 13.09 -14.51
C LEU B 33 -10.90 13.62 -15.89
N LYS B 34 -11.55 14.69 -16.33
CA LYS B 34 -11.26 15.29 -17.63
C LYS B 34 -10.15 16.34 -17.55
N GLY B 35 -9.57 16.53 -16.38
CA GLY B 35 -8.48 17.47 -16.18
C GLY B 35 -8.85 18.93 -16.02
N ARG B 36 -10.12 19.20 -15.72
CA ARG B 36 -10.62 20.56 -15.58
C ARG B 36 -10.43 21.18 -14.20
N LEU B 37 -10.03 20.36 -13.23
CA LEU B 37 -9.80 20.84 -11.86
C LEU B 37 -8.30 20.82 -11.57
N GLY B 38 -7.87 20.22 -10.47
CA GLY B 38 -6.46 20.20 -10.15
C GLY B 38 -6.16 19.27 -9.02
N VAL B 39 -4.89 19.18 -8.67
CA VAL B 39 -4.46 18.38 -7.55
C VAL B 39 -5.20 18.76 -6.26
N ALA B 40 -5.52 20.03 -6.07
CA ALA B 40 -6.19 20.45 -4.84
C ALA B 40 -7.50 19.70 -4.64
N GLU B 41 -8.30 19.63 -5.70
CA GLU B 41 -9.58 18.93 -5.67
C GLU B 41 -9.41 17.43 -5.46
N PHE B 42 -8.44 16.82 -6.12
CA PHE B 42 -8.16 15.42 -5.87
C PHE B 42 -7.76 15.15 -4.43
N THR B 43 -6.92 16.01 -3.89
CA THR B 43 -6.49 15.88 -2.51
C THR B 43 -7.70 15.97 -1.57
N ARG B 44 -8.59 16.91 -1.84
CA ARG B 44 -9.81 17.06 -1.01
C ARG B 44 -10.68 15.81 -1.05
N LEU B 45 -10.76 15.18 -2.22
CA LEU B 45 -11.55 13.96 -2.31
C LEU B 45 -10.87 12.89 -1.47
N GLN B 46 -9.54 12.76 -1.54
CA GLN B 46 -8.85 11.73 -0.77
C GLN B 46 -8.92 11.96 0.73
N GLU B 47 -8.99 13.23 1.16
CA GLU B 47 -9.15 13.52 2.58
C GLU B 47 -10.51 13.01 3.06
N GLN B 48 -11.56 13.25 2.26
CA GLN B 48 -12.89 12.78 2.63
C GLN B 48 -12.87 11.25 2.63
N ALA B 49 -12.20 10.64 1.67
CA ALA B 49 -12.14 9.19 1.61
C ALA B 49 -11.45 8.61 2.83
N TRP B 50 -10.38 9.28 3.31
CA TRP B 50 -9.72 8.78 4.51
C TRP B 50 -10.74 8.71 5.66
N LEU B 51 -11.57 9.73 5.76
CA LEU B 51 -12.56 9.74 6.84
C LEU B 51 -13.57 8.61 6.71
N PHE B 52 -14.10 8.38 5.52
CA PHE B 52 -15.09 7.30 5.39
C PHE B 52 -14.49 5.89 5.32
N TYR B 53 -13.28 5.73 4.76
CA TYR B 53 -12.61 4.45 4.80
C TYR B 53 -12.23 4.05 6.23
N THR B 54 -11.86 5.03 7.06
CA THR B 54 -11.56 4.72 8.45
C THR B 54 -12.81 4.11 9.09
N ALA B 55 -13.95 4.75 8.86
CA ALA B 55 -15.19 4.23 9.41
C ALA B 55 -15.60 2.91 8.79
N LEU B 56 -15.49 2.80 7.48
CA LEU B 56 -15.78 1.55 6.79
C LEU B 56 -14.98 0.41 7.34
N GLU B 57 -13.70 0.61 7.58
CA GLU B 57 -12.83 -0.46 8.00
C GLU B 57 -13.08 -0.84 9.46
N GLN B 58 -13.58 0.09 10.25
CA GLN B 58 -14.00 -0.27 11.61
C GLN B 58 -15.21 -1.18 11.56
N ALA B 59 -16.14 -0.88 10.66
CA ALA B 59 -17.30 -1.72 10.49
C ALA B 59 -16.91 -3.09 9.91
N VAL B 60 -16.00 -3.12 8.94
CA VAL B 60 -15.54 -4.40 8.44
C VAL B 60 -14.96 -5.27 9.58
N ASP B 61 -14.11 -4.67 10.41
CA ASP B 61 -13.48 -5.41 11.49
C ASP B 61 -14.53 -5.98 12.42
N ALA B 62 -15.55 -5.19 12.76
CA ALA B 62 -16.61 -5.67 13.65
C ALA B 62 -17.37 -6.82 13.01
N VAL B 63 -17.74 -6.70 11.75
CA VAL B 63 -18.45 -7.79 11.10
C VAL B 63 -17.60 -9.05 10.93
N ARG B 64 -16.34 -8.91 10.54
CA ARG B 64 -15.48 -10.06 10.44
C ARG B 64 -15.37 -10.80 11.78
N ALA B 65 -15.30 -10.03 12.86
CA ALA B 65 -15.16 -10.62 14.21
C ALA B 65 -16.40 -11.41 14.61
N SER B 66 -17.53 -11.11 13.97
CA SER B 66 -18.77 -11.81 14.25
C SER B 66 -18.91 -13.10 13.47
N GLY B 67 -17.96 -13.35 12.57
CA GLY B 67 -17.97 -14.54 11.75
C GLY B 67 -18.74 -14.45 10.45
N PHE B 68 -19.19 -13.26 10.07
CA PHE B 68 -19.99 -13.11 8.86
C PHE B 68 -19.13 -12.70 7.66
N ALA B 69 -19.27 -13.41 6.55
CA ALA B 69 -18.56 -13.08 5.30
C ALA B 69 -17.05 -12.97 5.45
N GLU B 70 -16.48 -13.78 6.33
CA GLU B 70 -15.05 -13.67 6.61
C GLU B 70 -14.14 -13.71 5.41
N SER B 71 -14.38 -14.65 4.50
CA SER B 71 -13.50 -14.79 3.35
C SER B 71 -13.58 -13.59 2.42
N LEU B 72 -14.74 -12.95 2.36
CA LEU B 72 -14.88 -11.74 1.51
C LEU B 72 -14.11 -10.54 2.11
N LEU B 73 -14.11 -10.45 3.45
CA LEU B 73 -13.56 -9.32 4.18
C LEU B 73 -12.04 -9.45 4.35
N ASP B 74 -11.36 -9.48 3.22
CA ASP B 74 -9.91 -9.66 3.14
C ASP B 74 -9.19 -8.41 3.64
N PRO B 75 -8.40 -8.54 4.69
CA PRO B 75 -7.69 -7.37 5.22
C PRO B 75 -6.68 -6.77 4.25
N ALA B 76 -6.29 -7.49 3.20
CA ALA B 76 -5.37 -6.93 2.20
C ALA B 76 -6.01 -5.73 1.52
N LEU B 77 -7.34 -5.65 1.56
CA LEU B 77 -8.03 -4.54 0.91
C LEU B 77 -7.95 -3.23 1.69
N ASN B 78 -7.61 -3.29 2.97
CA ASN B 78 -7.64 -2.09 3.79
C ASN B 78 -6.94 -0.92 3.13
N ARG B 79 -7.61 0.23 3.11
CA ARG B 79 -7.09 1.42 2.46
C ARG B 79 -6.77 2.59 3.36
N ALA B 80 -7.27 2.60 4.60
CA ALA B 80 -7.14 3.81 5.40
C ALA B 80 -5.70 4.25 5.64
N GLU B 81 -4.86 3.30 6.00
CA GLU B 81 -3.47 3.65 6.30
C GLU B 81 -2.73 4.06 5.04
N VAL B 82 -3.05 3.41 3.93
CA VAL B 82 -2.45 3.77 2.63
C VAL B 82 -2.86 5.21 2.27
N LEU B 83 -4.13 5.52 2.46
CA LEU B 83 -4.61 6.88 2.17
C LEU B 83 -3.89 7.94 2.96
N ALA B 84 -3.65 7.66 4.24
CA ALA B 84 -2.98 8.65 5.06
C ALA B 84 -1.56 8.90 4.54
N ARG B 85 -0.92 7.85 4.03
CA ARG B 85 0.42 7.99 3.44
C ARG B 85 0.37 8.81 2.15
N ASP B 86 -0.63 8.58 1.32
CA ASP B 86 -0.82 9.38 0.12
C ASP B 86 -1.03 10.85 0.48
N LEU B 87 -1.83 11.10 1.52
CA LEU B 87 -2.14 12.46 1.93
C LEU B 87 -0.91 13.18 2.47
N ASP B 88 -0.06 12.44 3.16
CA ASP B 88 1.22 12.99 3.65
C ASP B 88 2.00 13.46 2.41
N LYS B 89 1.93 12.75 1.28
CA LYS B 89 2.67 13.18 0.08
C LYS B 89 2.00 14.30 -0.70
N LEU B 90 0.68 14.23 -0.86
CA LEU B 90 -0.07 15.24 -1.58
C LEU B 90 -0.03 16.60 -0.87
N ASN B 91 0.01 16.57 0.46
CA ASN B 91 0.01 17.78 1.29
C ASN B 91 1.41 18.20 1.76
N GLY B 92 2.36 17.26 1.75
CA GLY B 92 3.74 17.52 2.18
C GLY B 92 4.06 17.42 3.68
N SER B 93 3.10 16.94 4.47
CA SER B 93 3.28 16.85 5.93
C SER B 93 2.15 16.00 6.53
N SER B 94 2.21 15.71 7.83
CA SER B 94 1.13 14.96 8.44
C SER B 94 0.05 15.91 8.96
N GLU B 95 0.27 17.21 8.72
CA GLU B 95 -0.57 18.32 9.20
C GLU B 95 -2.04 18.33 8.82
N TRP B 96 -2.36 17.92 7.59
CA TRP B 96 -3.75 17.88 7.11
C TRP B 96 -4.64 17.25 8.18
N ARG B 97 -4.06 16.42 9.03
CA ARG B 97 -4.81 15.75 10.08
C ARG B 97 -5.51 16.76 11.00
N SER B 98 -4.94 17.96 11.09
CA SER B 98 -5.53 19.00 11.93
C SER B 98 -6.44 19.95 11.20
N ARG B 99 -6.48 19.90 9.88
CA ARG B 99 -7.28 20.85 9.13
C ARG B 99 -8.60 20.28 8.64
N ILE B 100 -8.61 19.01 8.28
CA ILE B 100 -9.79 18.43 7.63
C ILE B 100 -11.00 18.16 8.51
N THR B 101 -12.14 18.13 7.85
CA THR B 101 -13.38 17.79 8.51
C THR B 101 -14.35 17.18 7.51
N ALA B 102 -15.20 16.29 7.98
CA ALA B 102 -16.16 15.64 7.11
C ALA B 102 -17.13 16.62 6.45
N SER B 103 -17.34 16.54 5.14
CA SER B 103 -18.37 17.35 4.50
C SER B 103 -19.73 16.81 4.92
N PRO B 104 -20.82 17.53 4.67
CA PRO B 104 -22.13 17.02 5.08
C PRO B 104 -22.46 15.62 4.58
N ALA B 105 -22.10 15.31 3.32
CA ALA B 105 -22.34 13.97 2.80
C ALA B 105 -21.54 12.94 3.59
N VAL B 106 -20.29 13.27 3.90
CA VAL B 106 -19.45 12.34 4.63
C VAL B 106 -19.92 12.13 6.06
N ILE B 107 -20.48 13.19 6.68
CA ILE B 107 -21.04 13.06 8.01
C ILE B 107 -22.13 11.97 7.96
N ASP B 108 -23.00 12.07 6.98
CA ASP B 108 -24.09 11.11 6.87
C ASP B 108 -23.57 9.68 6.55
N TYR B 109 -22.59 9.58 5.66
CA TYR B 109 -22.00 8.31 5.30
C TYR B 109 -21.34 7.63 6.52
N VAL B 110 -20.51 8.39 7.21
CA VAL B 110 -19.84 7.89 8.41
C VAL B 110 -20.85 7.49 9.49
N ASN B 111 -21.89 8.30 9.67
CA ASN B 111 -22.92 7.98 10.62
C ASN B 111 -23.54 6.61 10.30
N ARG B 112 -23.77 6.33 9.02
CA ARG B 112 -24.36 5.06 8.65
C ARG B 112 -23.35 3.92 8.89
N LEU B 113 -22.10 4.14 8.53
CA LEU B 113 -21.10 3.12 8.75
C LEU B 113 -20.93 2.80 10.22
N GLU B 114 -21.04 3.82 11.06
CA GLU B 114 -20.89 3.62 12.51
C GLU B 114 -22.10 2.86 13.07
N GLU B 115 -23.26 3.06 12.46
CA GLU B 115 -24.47 2.34 12.86
C GLU B 115 -24.31 0.87 12.49
N ILE B 116 -23.79 0.60 11.29
CA ILE B 116 -23.52 -0.74 10.83
C ILE B 116 -22.55 -1.43 11.77
N ARG B 117 -21.49 -0.73 12.14
CA ARG B 117 -20.57 -1.26 13.15
C ARG B 117 -21.27 -1.55 14.49
N ASP B 118 -21.97 -0.59 15.03
CA ASP B 118 -22.62 -0.77 16.33
C ASP B 118 -23.66 -1.89 16.32
N ASN B 119 -24.40 -2.03 15.21
CA ASN B 119 -25.44 -3.04 15.11
C ASN B 119 -24.89 -4.35 14.60
N VAL B 120 -23.64 -4.33 14.16
CA VAL B 120 -23.02 -5.50 13.57
C VAL B 120 -23.92 -6.07 12.45
N ASP B 121 -24.23 -5.20 11.49
CA ASP B 121 -25.13 -5.52 10.40
C ASP B 121 -24.33 -6.07 9.23
N GLY B 122 -24.13 -7.38 9.19
CA GLY B 122 -23.33 -8.03 8.19
C GLY B 122 -23.73 -7.77 6.75
N PRO B 123 -24.96 -8.06 6.38
CA PRO B 123 -25.42 -7.79 4.99
C PRO B 123 -25.21 -6.32 4.60
N ALA B 124 -25.52 -5.35 5.47
CA ALA B 124 -25.31 -3.96 5.11
C ALA B 124 -23.83 -3.68 4.89
N LEU B 125 -23.00 -4.25 5.75
CA LEU B 125 -21.54 -4.05 5.61
C LEU B 125 -21.07 -4.61 4.27
N VAL B 126 -21.52 -5.79 3.89
CA VAL B 126 -21.11 -6.38 2.61
C VAL B 126 -21.47 -5.45 1.44
N ALA B 127 -22.63 -4.81 1.52
CA ALA B 127 -23.08 -3.88 0.49
C ALA B 127 -22.03 -2.75 0.38
N HIS B 128 -21.66 -2.16 1.52
CA HIS B 128 -20.72 -1.04 1.50
C HIS B 128 -19.34 -1.45 1.02
N HIS B 129 -18.96 -2.67 1.36
CA HIS B 129 -17.68 -3.27 1.00
C HIS B 129 -17.60 -3.42 -0.52
N TYR B 130 -18.64 -3.97 -1.11
CA TYR B 130 -18.76 -4.12 -2.56
C TYR B 130 -18.64 -2.74 -3.25
N VAL B 131 -19.43 -1.79 -2.80
CA VAL B 131 -19.49 -0.50 -3.48
C VAL B 131 -18.14 0.20 -3.49
N ARG B 132 -17.44 0.19 -2.36
CA ARG B 132 -16.13 0.83 -2.32
C ARG B 132 -15.03 -0.03 -2.92
N TYR B 133 -14.79 -1.22 -2.38
CA TYR B 133 -13.62 -1.97 -2.83
C TYR B 133 -13.69 -2.48 -4.27
N LEU B 134 -14.84 -2.98 -4.70
CA LEU B 134 -14.90 -3.49 -6.07
C LEU B 134 -14.76 -2.31 -7.02
N GLY B 135 -15.25 -1.16 -6.62
CA GLY B 135 -15.07 0.04 -7.42
C GLY B 135 -13.60 0.44 -7.48
N ASP B 136 -12.89 0.37 -6.37
CA ASP B 136 -11.47 0.71 -6.35
C ASP B 136 -10.67 -0.21 -7.25
N LEU B 137 -11.05 -1.49 -7.26
CA LEU B 137 -10.36 -2.50 -8.07
C LEU B 137 -10.70 -2.39 -9.54
N SER B 138 -11.69 -1.56 -9.88
CA SER B 138 -12.18 -1.40 -11.26
C SER B 138 -12.00 0.02 -11.71
N GLY B 139 -13.02 0.86 -11.51
CA GLY B 139 -12.94 2.24 -11.89
C GLY B 139 -11.80 3.02 -11.27
N GLY B 140 -11.44 2.65 -10.04
CA GLY B 140 -10.33 3.32 -9.43
C GLY B 140 -9.03 3.28 -10.23
N GLN B 141 -8.84 2.17 -10.94
CA GLN B 141 -7.65 2.00 -11.74
C GLN B 141 -7.63 3.04 -12.84
N VAL B 142 -8.81 3.36 -13.36
CA VAL B 142 -8.92 4.38 -14.41
C VAL B 142 -8.67 5.76 -13.80
N ILE B 143 -9.29 5.98 -12.65
CA ILE B 143 -9.11 7.25 -11.96
C ILE B 143 -7.63 7.56 -11.70
N ALA B 144 -6.87 6.59 -11.20
CA ALA B 144 -5.47 6.80 -10.92
C ALA B 144 -4.73 7.22 -12.21
N ARG B 145 -5.01 6.54 -13.31
CA ARG B 145 -4.38 6.89 -14.59
C ARG B 145 -4.66 8.33 -14.96
N MET B 146 -5.93 8.72 -14.84
CA MET B 146 -6.35 10.09 -15.16
C MET B 146 -5.68 11.17 -14.31
N MET B 147 -5.44 10.90 -13.03
CA MET B 147 -4.81 11.90 -12.16
C MET B 147 -3.37 12.11 -12.56
N GLN B 148 -2.69 11.03 -12.94
CA GLN B 148 -1.33 11.16 -13.39
C GLN B 148 -1.34 11.86 -14.74
N ARG B 149 -2.22 11.45 -15.65
CA ARG B 149 -2.21 12.02 -17.00
C ARG B 149 -2.64 13.48 -17.06
N HIS B 150 -3.61 13.86 -16.23
CA HIS B 150 -4.09 15.25 -16.29
C HIS B 150 -3.37 16.23 -15.38
N TYR B 151 -2.90 15.78 -14.22
CA TYR B 151 -2.34 16.70 -13.23
C TYR B 151 -0.89 16.41 -12.85
N GLY B 152 -0.31 15.36 -13.40
CA GLY B 152 1.09 15.03 -13.11
C GLY B 152 1.31 14.49 -11.71
N VAL B 153 0.25 13.98 -11.06
CA VAL B 153 0.39 13.42 -9.73
C VAL B 153 1.37 12.24 -9.76
N ASP B 154 2.23 12.18 -8.76
CA ASP B 154 3.24 11.12 -8.72
C ASP B 154 2.66 9.80 -8.29
N PRO B 155 3.15 8.71 -8.86
CA PRO B 155 2.65 7.38 -8.52
C PRO B 155 2.66 7.10 -7.05
N GLU B 156 3.59 7.69 -6.31
CA GLU B 156 3.70 7.49 -4.88
C GLU B 156 2.53 8.08 -4.12
N ALA B 157 1.83 9.05 -4.71
CA ALA B 157 0.71 9.71 -4.07
C ALA B 157 -0.62 9.05 -4.49
N LEU B 158 -0.51 7.94 -5.20
CA LEU B 158 -1.66 7.19 -5.71
C LEU B 158 -1.68 5.74 -5.18
N GLY B 159 -1.09 5.54 -4.01
CA GLY B 159 -1.05 4.26 -3.37
C GLY B 159 -2.42 3.65 -3.11
N PHE B 160 -3.37 4.51 -2.80
CA PHE B 160 -4.75 4.10 -2.63
C PHE B 160 -5.25 3.16 -3.71
N TYR B 161 -4.86 3.47 -4.96
CA TYR B 161 -5.33 2.68 -6.11
C TYR B 161 -4.50 1.46 -6.44
N HIS B 162 -3.44 1.25 -5.67
CA HIS B 162 -2.58 0.10 -5.90
C HIS B 162 -2.79 -0.88 -4.73
N PHE B 163 -3.09 -2.13 -5.06
CA PHE B 163 -3.27 -3.15 -4.05
C PHE B 163 -2.05 -4.05 -4.08
N GLU B 164 -1.16 -3.78 -3.13
CA GLU B 164 0.11 -4.47 -3.09
C GLU B 164 -0.04 -5.98 -3.09
N GLY B 165 -1.02 -6.54 -2.38
CA GLY B 165 -1.10 -7.98 -2.40
C GLY B 165 -1.93 -8.63 -3.48
N ILE B 166 -2.26 -7.87 -4.53
CA ILE B 166 -3.12 -8.36 -5.59
C ILE B 166 -2.58 -8.02 -6.97
N ALA B 167 -1.91 -8.97 -7.63
CA ALA B 167 -1.42 -8.71 -8.97
C ALA B 167 -2.47 -8.92 -10.04
N LYS B 168 -3.21 -10.03 -9.93
CA LYS B 168 -4.21 -10.36 -10.93
C LYS B 168 -5.56 -9.82 -10.51
N LEU B 169 -5.85 -8.60 -10.91
CA LEU B 169 -7.11 -7.95 -10.52
C LEU B 169 -8.34 -8.69 -11.07
N LYS B 170 -8.24 -9.25 -12.27
CA LYS B 170 -9.35 -10.00 -12.86
C LYS B 170 -9.67 -11.24 -12.06
N VAL B 171 -8.65 -11.99 -11.70
CA VAL B 171 -8.86 -13.19 -10.90
C VAL B 171 -9.43 -12.82 -9.53
N TYR B 172 -8.91 -11.75 -8.91
CA TYR B 172 -9.36 -11.37 -7.58
C TYR B 172 -10.83 -10.96 -7.64
N LYS B 173 -11.18 -10.17 -8.64
CA LYS B 173 -12.58 -9.74 -8.76
C LYS B 173 -13.51 -10.91 -9.04
N ASP B 174 -13.07 -11.88 -9.83
CA ASP B 174 -13.92 -13.03 -10.09
C ASP B 174 -14.13 -13.82 -8.82
N GLU B 175 -13.06 -13.95 -8.05
CA GLU B 175 -13.14 -14.66 -6.78
C GLU B 175 -14.06 -13.92 -5.81
N TYR B 176 -13.96 -12.61 -5.80
CA TYR B 176 -14.80 -11.78 -4.96
C TYR B 176 -16.27 -12.02 -5.34
N ARG B 177 -16.56 -11.99 -6.63
CA ARG B 177 -17.94 -12.23 -7.09
C ARG B 177 -18.42 -13.61 -6.70
N GLU B 178 -17.56 -14.61 -6.81
CA GLU B 178 -17.94 -15.94 -6.41
C GLU B 178 -18.24 -16.00 -4.91
N LYS B 179 -17.47 -15.27 -4.10
CA LYS B 179 -17.72 -15.21 -2.66
C LYS B 179 -19.06 -14.56 -2.39
N LEU B 180 -19.40 -13.51 -3.13
CA LEU B 180 -20.71 -12.88 -3.01
C LEU B 180 -21.79 -13.90 -3.33
N ASN B 181 -21.62 -14.62 -4.43
CA ASN B 181 -22.60 -15.60 -4.87
C ASN B 181 -22.75 -16.72 -3.85
N ASN B 182 -21.67 -17.06 -3.15
CA ASN B 182 -21.71 -18.16 -2.18
C ASN B 182 -22.10 -17.74 -0.77
N LEU B 183 -22.42 -16.46 -0.58
CA LEU B 183 -22.86 -16.04 0.72
C LEU B 183 -24.28 -16.52 0.96
N GLU B 184 -24.48 -17.23 2.06
CA GLU B 184 -25.81 -17.70 2.42
C GLU B 184 -26.55 -16.50 2.98
N LEU B 185 -27.66 -16.13 2.33
CA LEU B 185 -28.46 -15.00 2.77
C LEU B 185 -29.93 -15.36 2.69
N SER B 186 -30.69 -14.98 3.71
CA SER B 186 -32.12 -15.14 3.67
C SER B 186 -32.71 -14.09 2.73
N ASP B 187 -34.00 -14.23 2.37
CA ASP B 187 -34.64 -13.26 1.50
C ASP B 187 -34.54 -11.86 2.08
N GLU B 188 -34.82 -11.72 3.37
CA GLU B 188 -34.78 -10.41 4.01
C GLU B 188 -33.35 -9.89 4.01
N GLN B 189 -32.38 -10.77 4.26
CA GLN B 189 -30.98 -10.30 4.28
C GLN B 189 -30.57 -9.79 2.93
N ARG B 190 -30.95 -10.50 1.89
CA ARG B 190 -30.58 -10.12 0.53
C ARG B 190 -31.24 -8.81 0.15
N GLU B 191 -32.53 -8.63 0.48
CA GLU B 191 -33.24 -7.41 0.17
C GLU B 191 -32.59 -6.24 0.89
N HIS B 192 -32.20 -6.46 2.16
CA HIS B 192 -31.57 -5.41 2.94
C HIS B 192 -30.22 -5.04 2.33
N LEU B 193 -29.44 -6.05 1.98
CA LEU B 193 -28.14 -5.84 1.30
C LEU B 193 -28.29 -5.00 0.04
N LEU B 194 -29.21 -5.36 -0.83
CA LEU B 194 -29.39 -4.67 -2.09
C LEU B 194 -29.84 -3.23 -1.87
N LYS B 195 -30.75 -2.99 -0.93
CA LYS B 195 -31.17 -1.64 -0.61
C LYS B 195 -29.96 -0.81 -0.13
N GLU B 196 -29.19 -1.40 0.77
CA GLU B 196 -28.01 -0.69 1.30
C GLU B 196 -27.00 -0.33 0.20
N ALA B 197 -26.82 -1.21 -0.77
CA ALA B 197 -25.85 -0.94 -1.85
C ALA B 197 -26.28 0.31 -2.63
N THR B 198 -27.57 0.44 -2.87
CA THR B 198 -28.06 1.66 -3.50
C THR B 198 -27.84 2.88 -2.61
N ASP B 199 -28.08 2.75 -1.30
CA ASP B 199 -27.84 3.87 -0.40
C ASP B 199 -26.32 4.22 -0.43
N ALA B 200 -25.46 3.21 -0.50
CA ALA B 200 -24.01 3.47 -0.48
C ALA B 200 -23.59 4.30 -1.70
N PHE B 201 -24.16 3.98 -2.86
CA PHE B 201 -23.87 4.75 -4.06
C PHE B 201 -24.35 6.20 -3.92
N VAL B 202 -25.53 6.39 -3.34
CA VAL B 202 -26.07 7.72 -3.11
C VAL B 202 -25.13 8.54 -2.22
N PHE B 203 -24.65 7.93 -1.13
CA PHE B 203 -23.76 8.66 -0.25
C PHE B 203 -22.53 9.10 -1.08
N ASN B 204 -22.00 8.20 -1.89
CA ASN B 204 -20.82 8.51 -2.67
C ASN B 204 -21.05 9.60 -3.70
N HIS B 205 -22.23 9.60 -4.32
CA HIS B 205 -22.53 10.65 -5.27
C HIS B 205 -22.63 12.00 -4.51
N GLN B 206 -23.19 11.95 -3.30
CA GLN B 206 -23.32 13.17 -2.50
C GLN B 206 -21.96 13.72 -2.11
N VAL B 207 -21.00 12.85 -1.91
CA VAL B 207 -19.65 13.30 -1.58
C VAL B 207 -19.14 14.15 -2.75
N PHE B 208 -19.32 13.65 -3.98
CA PHE B 208 -18.89 14.40 -5.15
C PHE B 208 -19.65 15.71 -5.26
N ALA B 209 -20.95 15.67 -4.97
CA ALA B 209 -21.74 16.91 -5.07
C ALA B 209 -21.22 17.97 -4.11
N ASP B 210 -20.89 17.56 -2.89
CA ASP B 210 -20.35 18.50 -1.90
C ASP B 210 -19.02 19.07 -2.37
N LEU B 211 -18.14 18.22 -2.90
CA LEU B 211 -16.85 18.71 -3.38
C LEU B 211 -17.04 19.74 -4.51
N GLY B 212 -18.00 19.48 -5.37
CA GLY B 212 -18.29 20.41 -6.46
C GLY B 212 -18.78 21.77 -5.96
N LYS B 213 -19.36 21.81 -4.76
CA LYS B 213 -19.88 23.07 -4.19
C LYS B 213 -18.91 23.73 -3.22
N GLY B 214 -17.64 23.32 -3.30
CA GLY B 214 -16.62 23.90 -2.45
C GLY B 214 -16.63 23.42 -1.02
N LEU B 215 -17.43 22.40 -0.71
CA LEU B 215 -17.52 21.88 0.64
C LEU B 215 -16.51 20.77 0.83
N ALA C 6 30.57 8.35 31.20
CA ALA C 6 29.54 7.39 31.68
C ALA C 6 28.67 6.88 30.52
N GLY C 7 28.04 5.73 30.72
CA GLY C 7 27.06 5.22 29.77
C GLY C 7 26.06 6.28 29.33
N LEU C 8 25.64 6.17 28.09
CA LEU C 8 24.69 7.11 27.52
C LEU C 8 23.37 7.14 28.30
N ALA C 9 22.89 5.97 28.72
CA ALA C 9 21.64 5.89 29.48
C ALA C 9 21.74 6.70 30.78
N VAL C 10 22.86 6.59 31.47
CA VAL C 10 23.06 7.34 32.70
C VAL C 10 23.15 8.83 32.50
N GLU C 11 23.89 9.27 31.48
CA GLU C 11 24.04 10.68 31.22
C GLU C 11 22.71 11.29 30.77
N LEU C 12 21.93 10.52 30.02
CA LEU C 12 20.61 10.94 29.60
C LEU C 12 19.72 11.20 30.81
N LYS C 13 19.69 10.23 31.71
CA LYS C 13 18.87 10.36 32.91
C LYS C 13 19.29 11.53 33.78
N GLN C 14 20.59 11.65 34.01
CA GLN C 14 21.09 12.75 34.81
C GLN C 14 20.80 14.11 34.20
N SER C 15 21.11 14.26 32.91
CA SER C 15 20.93 15.54 32.22
C SER C 15 19.47 15.98 32.08
N THR C 16 18.55 15.02 32.14
CA THR C 16 17.13 15.36 32.04
C THR C 16 16.33 15.13 33.32
N ALA C 17 17.02 14.79 34.41
CA ALA C 17 16.34 14.53 35.67
C ALA C 17 15.53 15.73 36.15
N GLN C 18 16.06 16.92 35.95
CA GLN C 18 15.41 18.15 36.39
C GLN C 18 14.17 18.42 35.55
N ALA C 19 14.29 18.19 34.25
CA ALA C 19 13.17 18.41 33.34
C ALA C 19 12.05 17.40 33.62
N HIS C 20 12.45 16.16 33.87
CA HIS C 20 11.47 15.12 34.14
C HIS C 20 10.63 15.48 35.36
N GLU C 21 11.27 16.02 36.41
CA GLU C 21 10.52 16.40 37.61
C GLU C 21 9.47 17.44 37.29
N LYS C 22 9.85 18.44 36.49
CA LYS C 22 8.92 19.49 36.10
C LYS C 22 7.80 18.89 35.28
N ALA C 23 8.14 17.95 34.42
CA ALA C 23 7.15 17.30 33.57
C ALA C 23 6.19 16.45 34.40
N GLU C 24 6.74 15.76 35.38
CA GLU C 24 5.98 14.89 36.25
C GLU C 24 5.05 15.71 37.15
N HIS C 25 5.47 16.92 37.47
CA HIS C 25 4.70 17.78 38.34
C HIS C 25 4.09 19.00 37.66
N SER C 26 3.85 18.92 36.35
CA SER C 26 3.17 20.02 35.65
C SER C 26 1.77 20.15 36.22
N THR C 27 1.23 21.36 36.19
CA THR C 27 -0.09 21.59 36.73
C THR C 27 -1.14 20.69 36.09
N PHE C 28 -1.06 20.53 34.77
CA PHE C 28 -2.02 19.71 34.06
C PHE C 28 -1.98 18.26 34.49
N MET C 29 -0.82 17.63 34.42
CA MET C 29 -0.69 16.23 34.76
C MET C 29 -0.94 16.02 36.23
N SER C 30 -0.45 16.93 37.06
CA SER C 30 -0.66 16.78 38.50
C SER C 30 -2.15 16.75 38.78
N ASP C 31 -2.89 17.70 38.22
CA ASP C 31 -4.32 17.76 38.44
C ASP C 31 -5.01 16.55 37.80
N LEU C 32 -4.56 16.17 36.61
CA LEU C 32 -5.17 15.02 35.94
C LEU C 32 -5.04 13.77 36.78
N LEU C 33 -3.83 13.48 37.25
CA LEU C 33 -3.60 12.28 38.04
C LEU C 33 -4.24 12.30 39.44
N LYS C 34 -4.48 13.49 39.97
CA LYS C 34 -5.09 13.62 41.29
C LYS C 34 -6.60 13.39 41.26
N GLY C 35 -7.22 13.55 40.10
CA GLY C 35 -8.65 13.34 39.98
C GLY C 35 -9.43 14.64 39.91
N ARG C 36 -8.72 15.75 39.74
CA ARG C 36 -9.31 17.09 39.72
C ARG C 36 -9.89 17.45 38.36
N LEU C 37 -9.51 16.70 37.34
CA LEU C 37 -10.00 16.97 35.99
C LEU C 37 -11.08 15.95 35.61
N GLY C 38 -10.96 15.31 34.44
CA GLY C 38 -11.96 14.34 34.02
C GLY C 38 -11.54 13.69 32.71
N VAL C 39 -12.40 12.81 32.21
CA VAL C 39 -12.14 12.08 30.97
C VAL C 39 -11.97 13.05 29.81
N ALA C 40 -12.67 14.17 29.85
CA ALA C 40 -12.56 15.16 28.77
C ALA C 40 -11.10 15.57 28.59
N GLU C 41 -10.47 15.97 29.68
CA GLU C 41 -9.09 16.41 29.65
C GLU C 41 -8.13 15.30 29.24
N PHE C 42 -8.38 14.09 29.71
CA PHE C 42 -7.57 12.95 29.31
C PHE C 42 -7.68 12.76 27.79
N THR C 43 -8.90 12.86 27.28
CA THR C 43 -9.13 12.70 25.83
C THR C 43 -8.38 13.77 25.02
N ARG C 44 -8.34 14.99 25.52
CA ARG C 44 -7.62 16.06 24.85
C ARG C 44 -6.12 15.75 24.81
N LEU C 45 -5.60 15.19 25.89
CA LEU C 45 -4.19 14.82 25.93
C LEU C 45 -3.92 13.75 24.88
N GLN C 46 -4.79 12.73 24.82
CA GLN C 46 -4.55 11.64 23.87
C GLN C 46 -4.69 12.10 22.42
N GLU C 47 -5.54 13.06 22.13
CA GLU C 47 -5.67 13.58 20.78
C GLU C 47 -4.34 14.25 20.37
N GLN C 48 -3.76 15.02 21.27
CA GLN C 48 -2.51 15.68 20.93
C GLN C 48 -1.40 14.65 20.77
N ALA C 49 -1.39 13.66 21.62
CA ALA C 49 -0.43 12.59 21.55
C ALA C 49 -0.55 11.83 20.22
N TRP C 50 -1.76 11.58 19.73
CA TRP C 50 -1.90 10.93 18.44
C TRP C 50 -1.17 11.74 17.35
N LEU C 51 -1.30 13.05 17.37
CA LEU C 51 -0.61 13.90 16.39
C LEU C 51 0.91 13.77 16.51
N PHE C 52 1.47 13.86 17.71
CA PHE C 52 2.94 13.83 17.77
C PHE C 52 3.52 12.42 17.69
N TYR C 53 2.81 11.40 18.19
CA TYR C 53 3.28 10.04 17.96
C TYR C 53 3.24 9.65 16.48
N THR C 54 2.25 10.15 15.73
CA THR C 54 2.21 9.89 14.32
C THR C 54 3.49 10.43 13.68
N ALA C 55 3.83 11.67 14.02
CA ALA C 55 5.06 12.29 13.46
C ALA C 55 6.32 11.59 13.99
N LEU C 56 6.33 11.31 15.29
CA LEU C 56 7.49 10.60 15.85
C LEU C 56 7.76 9.30 15.10
N GLU C 57 6.71 8.53 14.87
CA GLU C 57 6.86 7.22 14.28
C GLU C 57 7.24 7.28 12.81
N GLN C 58 6.89 8.36 12.14
CA GLN C 58 7.34 8.56 10.78
C GLN C 58 8.86 8.79 10.77
N ALA C 59 9.32 9.53 11.75
CA ALA C 59 10.76 9.75 11.91
C ALA C 59 11.47 8.47 12.30
N VAL C 60 10.90 7.71 13.23
CA VAL C 60 11.52 6.45 13.59
C VAL C 60 11.65 5.56 12.37
N ASP C 61 10.61 5.45 11.54
CA ASP C 61 10.66 4.62 10.36
C ASP C 61 11.78 5.08 9.42
N ALA C 62 11.94 6.39 9.26
CA ALA C 62 13.02 6.89 8.38
C ALA C 62 14.39 6.54 8.91
N VAL C 63 14.56 6.72 10.22
CA VAL C 63 15.86 6.42 10.81
C VAL C 63 16.16 4.93 10.77
N ARG C 64 15.17 4.09 11.10
CA ARG C 64 15.36 2.67 11.04
C ARG C 64 15.76 2.20 9.62
N ALA C 65 15.18 2.84 8.60
CA ALA C 65 15.45 2.44 7.23
C ALA C 65 16.87 2.80 6.83
N SER C 66 17.43 3.79 7.50
CA SER C 66 18.83 4.20 7.26
C SER C 66 19.84 3.26 7.95
N GLY C 67 19.33 2.32 8.73
CA GLY C 67 20.17 1.36 9.43
C GLY C 67 20.80 1.86 10.71
N PHE C 68 20.28 2.95 11.27
CA PHE C 68 20.81 3.49 12.50
C PHE C 68 19.97 3.04 13.69
N ALA C 69 20.65 2.53 14.73
CA ALA C 69 20.00 2.12 15.98
C ALA C 69 18.84 1.17 15.77
N GLU C 70 18.99 0.27 14.81
CA GLU C 70 17.92 -0.66 14.44
C GLU C 70 17.35 -1.44 15.62
N SER C 71 18.22 -2.04 16.43
CA SER C 71 17.71 -2.83 17.55
C SER C 71 16.91 -2.00 18.55
N LEU C 72 17.28 -0.74 18.73
CA LEU C 72 16.60 0.15 19.65
C LEU C 72 15.19 0.53 19.15
N LEU C 73 15.07 0.73 17.85
CA LEU C 73 13.82 1.16 17.22
C LEU C 73 12.84 0.01 16.95
N ASP C 74 12.43 -0.65 18.03
CA ASP C 74 11.55 -1.80 17.97
C ASP C 74 10.14 -1.36 17.58
N PRO C 75 9.61 -1.89 16.48
CA PRO C 75 8.28 -1.50 16.00
C PRO C 75 7.19 -1.84 17.00
N ALA C 76 7.48 -2.78 17.89
CA ALA C 76 6.49 -3.15 18.90
C ALA C 76 6.09 -1.98 19.81
N LEU C 77 6.93 -0.94 19.85
CA LEU C 77 6.68 0.23 20.65
C LEU C 77 5.67 1.19 20.00
N ASN C 78 5.44 1.06 18.71
CA ASN C 78 4.58 1.99 17.98
C ASN C 78 3.24 2.18 18.71
N ARG C 79 2.91 3.45 18.93
CA ARG C 79 1.69 3.86 19.63
C ARG C 79 0.62 4.54 18.78
N ALA C 80 0.95 5.03 17.59
CA ALA C 80 -0.01 5.86 16.87
C ALA C 80 -1.33 5.14 16.62
N GLU C 81 -1.27 3.95 16.10
CA GLU C 81 -2.50 3.24 15.76
C GLU C 81 -3.26 2.81 17.00
N VAL C 82 -2.52 2.48 18.07
CA VAL C 82 -3.15 2.09 19.32
C VAL C 82 -3.89 3.32 19.89
N LEU C 83 -3.29 4.50 19.80
CA LEU C 83 -3.91 5.72 20.26
C LEU C 83 -5.21 6.01 19.52
N ALA C 84 -5.17 5.84 18.20
CA ALA C 84 -6.37 6.10 17.41
C ALA C 84 -7.50 5.19 17.85
N ARG C 85 -7.18 3.94 18.17
CA ARG C 85 -8.20 2.99 18.65
C ARG C 85 -8.72 3.43 20.02
N ASP C 86 -7.84 3.87 20.90
CA ASP C 86 -8.25 4.40 22.20
C ASP C 86 -9.21 5.56 22.03
N LEU C 87 -8.89 6.47 21.10
CA LEU C 87 -9.72 7.62 20.86
C LEU C 87 -11.09 7.24 20.29
N ASP C 88 -11.12 6.20 19.47
CA ASP C 88 -12.37 5.71 18.94
C ASP C 88 -13.23 5.24 20.07
N LYS C 89 -12.61 4.61 21.07
CA LYS C 89 -13.36 4.12 22.23
C LYS C 89 -13.76 5.30 23.15
N LEU C 90 -12.81 6.20 23.40
CA LEU C 90 -13.06 7.35 24.31
C LEU C 90 -14.13 8.27 23.78
N ASN C 91 -14.07 8.54 22.48
CA ASN C 91 -15.02 9.42 21.87
C ASN C 91 -16.31 8.72 21.42
N GLY C 92 -16.33 7.39 21.44
CA GLY C 92 -17.45 6.59 20.98
C GLY C 92 -17.74 6.74 19.48
N SER C 93 -16.72 7.06 18.70
CA SER C 93 -16.92 7.26 17.27
C SER C 93 -15.57 7.54 16.65
N SER C 94 -15.47 7.39 15.34
CA SER C 94 -14.27 7.75 14.61
C SER C 94 -14.21 9.22 14.31
N GLU C 95 -15.32 9.93 14.52
CA GLU C 95 -15.49 11.32 14.09
C GLU C 95 -14.64 12.36 14.80
N TRP C 96 -13.91 11.96 15.84
CA TRP C 96 -12.95 12.89 16.43
C TRP C 96 -11.94 13.35 15.37
N ARG C 97 -11.73 12.52 14.33
CA ARG C 97 -10.79 12.89 13.28
C ARG C 97 -11.23 14.15 12.55
N SER C 98 -12.54 14.42 12.57
CA SER C 98 -13.09 15.62 11.95
C SER C 98 -13.06 16.88 12.83
N ARG C 99 -12.66 16.75 14.09
CA ARG C 99 -12.66 17.86 15.03
C ARG C 99 -11.25 18.20 15.59
N ILE C 100 -10.37 17.23 15.59
CA ILE C 100 -9.06 17.39 16.21
C ILE C 100 -8.22 18.46 15.55
N THR C 101 -7.49 19.21 16.36
CA THR C 101 -6.55 20.18 15.83
C THR C 101 -5.34 20.28 16.74
N ALA C 102 -4.17 20.45 16.14
CA ALA C 102 -2.94 20.54 16.90
C ALA C 102 -2.86 21.86 17.68
N SER C 103 -2.40 21.75 18.91
CA SER C 103 -2.17 22.93 19.73
C SER C 103 -0.88 23.56 19.21
N PRO C 104 -0.63 24.81 19.57
CA PRO C 104 0.60 25.49 19.12
C PRO C 104 1.87 24.72 19.46
N ALA C 105 1.93 24.16 20.66
CA ALA C 105 3.07 23.41 21.13
C ALA C 105 3.25 22.13 20.29
N VAL C 106 2.12 21.51 19.96
CA VAL C 106 2.21 20.28 19.19
C VAL C 106 2.63 20.58 17.74
N ILE C 107 2.23 21.72 17.20
CA ILE C 107 2.69 22.12 15.87
C ILE C 107 4.22 22.21 15.85
N ASP C 108 4.81 22.83 16.87
CA ASP C 108 6.26 22.96 16.90
C ASP C 108 6.93 21.60 17.10
N TYR C 109 6.39 20.79 17.99
CA TYR C 109 6.94 19.47 18.25
C TYR C 109 6.90 18.65 16.95
N VAL C 110 5.74 18.65 16.31
CA VAL C 110 5.60 17.92 15.06
C VAL C 110 6.56 18.43 13.96
N ASN C 111 6.71 19.74 13.85
CA ASN C 111 7.62 20.30 12.86
C ASN C 111 9.03 19.80 13.11
N ARG C 112 9.43 19.73 14.38
CA ARG C 112 10.77 19.23 14.66
C ARG C 112 10.92 17.77 14.29
N LEU C 113 9.90 16.95 14.62
CA LEU C 113 9.96 15.56 14.29
C LEU C 113 10.00 15.35 12.78
N GLU C 114 9.30 16.18 12.02
CA GLU C 114 9.31 16.07 10.56
C GLU C 114 10.68 16.48 10.01
N GLU C 115 11.35 17.41 10.69
CA GLU C 115 12.71 17.80 10.31
C GLU C 115 13.66 16.64 10.52
N ILE C 116 13.53 15.99 11.69
CA ILE C 116 14.33 14.82 12.00
C ILE C 116 14.13 13.74 10.96
N ARG C 117 12.88 13.54 10.56
CA ARG C 117 12.56 12.57 9.55
C ARG C 117 13.23 12.92 8.20
N ASP C 118 13.04 14.15 7.75
CA ASP C 118 13.54 14.61 6.46
C ASP C 118 15.05 14.63 6.42
N ASN C 119 15.68 14.95 7.54
CA ASN C 119 17.15 15.04 7.63
C ASN C 119 17.77 13.71 7.99
N VAL C 120 16.92 12.74 8.33
CA VAL C 120 17.31 11.40 8.77
C VAL C 120 18.36 11.54 9.87
N ASP C 121 18.03 12.34 10.87
CA ASP C 121 18.93 12.63 11.99
C ASP C 121 18.80 11.54 13.07
N GLY C 122 19.60 10.49 12.94
CA GLY C 122 19.54 9.35 13.83
C GLY C 122 19.70 9.71 15.30
N PRO C 123 20.81 10.35 15.67
CA PRO C 123 20.99 10.72 17.08
C PRO C 123 19.85 11.55 17.66
N ALA C 124 19.33 12.50 16.91
CA ALA C 124 18.23 13.31 17.40
C ALA C 124 16.98 12.45 17.57
N LEU C 125 16.76 11.53 16.64
CA LEU C 125 15.57 10.66 16.75
C LEU C 125 15.66 9.78 18.00
N VAL C 126 16.84 9.22 18.25
CA VAL C 126 17.02 8.38 19.45
C VAL C 126 16.68 9.15 20.71
N ALA C 127 17.09 10.40 20.80
CA ALA C 127 16.76 11.25 21.94
C ALA C 127 15.25 11.33 22.14
N HIS C 128 14.52 11.58 21.06
CA HIS C 128 13.06 11.70 21.11
C HIS C 128 12.41 10.38 21.48
N HIS C 129 13.01 9.28 21.02
CA HIS C 129 12.53 7.93 21.24
C HIS C 129 12.66 7.59 22.73
N TYR C 130 13.80 7.93 23.31
CA TYR C 130 14.04 7.70 24.74
C TYR C 130 13.05 8.51 25.56
N VAL C 131 12.92 9.79 25.28
CA VAL C 131 12.02 10.65 26.04
C VAL C 131 10.56 10.15 26.06
N ARG C 132 10.05 9.74 24.90
CA ARG C 132 8.67 9.24 24.86
C ARG C 132 8.56 7.78 25.28
N TYR C 133 9.19 6.85 24.58
CA TYR C 133 8.96 5.42 24.83
C TYR C 133 9.44 4.87 26.16
N LEU C 134 10.63 5.25 26.59
CA LEU C 134 11.09 4.71 27.85
C LEU C 134 10.23 5.25 28.99
N GLY C 135 9.75 6.47 28.83
CA GLY C 135 8.81 7.09 29.75
C GLY C 135 7.47 6.35 29.80
N ASP C 136 6.92 6.04 28.64
CA ASP C 136 5.67 5.29 28.54
C ASP C 136 5.81 3.95 29.25
N LEU C 137 6.93 3.28 28.98
CA LEU C 137 7.22 1.95 29.55
C LEU C 137 7.48 1.96 31.03
N SER C 138 7.93 3.10 31.54
CA SER C 138 8.32 3.21 32.95
C SER C 138 7.20 3.67 33.87
N GLY C 139 6.47 4.69 33.46
CA GLY C 139 5.38 5.21 34.26
C GLY C 139 4.00 5.21 33.63
N GLY C 140 3.87 4.69 32.40
CA GLY C 140 2.58 4.69 31.73
C GLY C 140 1.49 4.00 32.55
N GLN C 141 1.85 2.89 33.20
CA GLN C 141 0.90 2.10 33.96
C GLN C 141 0.31 2.90 35.12
N VAL C 142 1.06 3.87 35.65
CA VAL C 142 0.53 4.74 36.69
C VAL C 142 -0.57 5.65 36.16
N ILE C 143 -0.32 6.27 35.02
CA ILE C 143 -1.32 7.14 34.44
C ILE C 143 -2.60 6.35 34.12
N ALA C 144 -2.46 5.16 33.57
CA ALA C 144 -3.62 4.35 33.19
C ALA C 144 -4.44 3.98 34.41
N ARG C 145 -3.75 3.57 35.48
CA ARG C 145 -4.43 3.20 36.72
C ARG C 145 -5.24 4.36 37.26
N MET C 146 -4.67 5.57 37.21
CA MET C 146 -5.32 6.74 37.70
C MET C 146 -6.52 7.14 36.88
N MET C 147 -6.46 6.95 35.56
CA MET C 147 -7.61 7.30 34.73
C MET C 147 -8.78 6.37 35.05
N GLN C 148 -8.47 5.12 35.33
CA GLN C 148 -9.49 4.15 35.75
C GLN C 148 -10.00 4.47 37.15
N ARG C 149 -9.07 4.73 38.06
CA ARG C 149 -9.45 5.00 39.45
C ARG C 149 -10.29 6.25 39.56
N HIS C 150 -9.79 7.37 39.05
CA HIS C 150 -10.45 8.66 39.22
C HIS C 150 -11.61 8.97 38.28
N TYR C 151 -11.52 8.50 37.04
CA TYR C 151 -12.53 8.84 36.05
C TYR C 151 -13.31 7.67 35.45
N GLY C 152 -13.00 6.44 35.82
CA GLY C 152 -13.74 5.27 35.37
C GLY C 152 -13.51 4.89 33.93
N VAL C 153 -12.41 5.37 33.37
CA VAL C 153 -12.09 5.06 31.99
C VAL C 153 -11.89 3.57 31.84
N ASP C 154 -12.50 2.99 30.82
CA ASP C 154 -12.40 1.56 30.58
C ASP C 154 -11.00 1.22 30.10
N PRO C 155 -10.47 0.10 30.55
CA PRO C 155 -9.15 -0.36 30.10
C PRO C 155 -9.01 -0.49 28.57
N GLU C 156 -10.11 -0.76 27.87
CA GLU C 156 -10.09 -0.86 26.43
C GLU C 156 -9.72 0.47 25.77
N ALA C 157 -9.84 1.56 26.51
CA ALA C 157 -9.53 2.90 26.04
C ALA C 157 -8.16 3.37 26.54
N LEU C 158 -7.41 2.45 27.14
CA LEU C 158 -6.08 2.74 27.67
C LEU C 158 -5.03 1.83 27.06
N GLY C 159 -5.26 1.35 25.85
CA GLY C 159 -4.32 0.51 25.13
C GLY C 159 -2.97 1.16 24.94
N PHE C 160 -2.96 2.48 24.88
CA PHE C 160 -1.71 3.23 24.74
C PHE C 160 -0.68 2.83 25.78
N TYR C 161 -1.17 2.60 27.00
CA TYR C 161 -0.29 2.29 28.13
C TYR C 161 0.05 0.81 28.27
N HIS C 162 -0.44 -0.01 27.36
CA HIS C 162 -0.18 -1.43 27.37
C HIS C 162 0.61 -1.81 26.13
N PHE C 163 1.77 -2.40 26.33
CA PHE C 163 2.58 -2.79 25.20
C PHE C 163 2.47 -4.29 24.97
N GLU C 164 1.72 -4.66 23.93
CA GLU C 164 1.53 -6.07 23.57
C GLU C 164 2.84 -6.63 23.03
N GLY C 165 3.06 -7.92 23.20
CA GLY C 165 4.29 -8.52 22.68
C GLY C 165 5.44 -8.42 23.65
N ILE C 166 5.63 -7.23 24.24
CA ILE C 166 6.69 -7.01 25.22
C ILE C 166 6.38 -7.78 26.50
N ALA C 167 6.93 -8.98 26.58
CA ALA C 167 6.70 -9.90 27.69
C ALA C 167 7.23 -9.39 29.01
N LYS C 168 8.54 -9.46 29.18
CA LYS C 168 9.20 -9.04 30.40
C LYS C 168 9.45 -7.54 30.35
N LEU C 169 8.56 -6.77 30.93
CA LEU C 169 8.68 -5.32 30.93
C LEU C 169 10.03 -4.86 31.49
N LYS C 170 10.40 -5.35 32.66
CA LYS C 170 11.66 -4.90 33.27
C LYS C 170 12.89 -5.36 32.50
N VAL C 171 12.84 -6.57 31.96
CA VAL C 171 13.96 -7.06 31.18
C VAL C 171 14.06 -6.23 29.91
N TYR C 172 12.91 -5.85 29.36
CA TYR C 172 12.89 -5.00 28.15
C TYR C 172 13.49 -3.63 28.41
N LYS C 173 13.09 -2.98 29.49
CA LYS C 173 13.65 -1.69 29.85
C LYS C 173 15.16 -1.75 30.16
N ASP C 174 15.57 -2.83 30.79
CA ASP C 174 16.99 -2.98 31.10
C ASP C 174 17.79 -3.02 29.83
N GLU C 175 17.32 -3.83 28.90
CA GLU C 175 17.99 -4.01 27.64
C GLU C 175 17.94 -2.72 26.82
N TYR C 176 16.90 -1.92 27.02
CA TYR C 176 16.79 -0.66 26.28
C TYR C 176 17.90 0.29 26.72
N ARG C 177 18.10 0.39 28.02
CA ARG C 177 19.15 1.24 28.55
C ARG C 177 20.50 0.73 28.09
N GLU C 178 20.63 -0.59 27.97
CA GLU C 178 21.89 -1.19 27.51
C GLU C 178 22.12 -0.91 26.03
N LYS C 179 21.05 -0.90 25.26
CA LYS C 179 21.13 -0.60 23.84
C LYS C 179 21.65 0.82 23.68
N LEU C 180 21.16 1.73 24.52
CA LEU C 180 21.63 3.11 24.50
C LEU C 180 23.13 3.14 24.81
N ASN C 181 23.55 2.33 25.78
CA ASN C 181 24.96 2.30 26.17
C ASN C 181 25.85 1.67 25.11
N ASN C 182 25.30 0.73 24.34
CA ASN C 182 26.07 0.03 23.31
C ASN C 182 25.98 0.68 21.93
N LEU C 183 25.28 1.80 21.83
CA LEU C 183 25.15 2.48 20.56
C LEU C 183 26.48 3.19 20.28
N GLU C 184 27.08 2.87 19.15
CA GLU C 184 28.33 3.52 18.76
C GLU C 184 28.06 4.96 18.33
N LEU C 185 28.59 5.91 19.08
CA LEU C 185 28.38 7.32 18.80
C LEU C 185 29.69 8.05 18.88
N SER C 186 29.92 8.95 17.93
CA SER C 186 31.07 9.81 18.04
C SER C 186 30.80 10.88 19.10
N ASP C 187 31.79 11.67 19.47
CA ASP C 187 31.57 12.74 20.44
C ASP C 187 30.50 13.74 20.01
N GLU C 188 30.51 14.10 18.73
CA GLU C 188 29.57 15.06 18.19
C GLU C 188 28.17 14.44 18.16
N GLN C 189 28.08 13.16 17.79
CA GLN C 189 26.78 12.47 17.79
C GLN C 189 26.17 12.41 19.17
N ARG C 190 27.00 12.06 20.14
CA ARG C 190 26.56 11.97 21.54
C ARG C 190 26.11 13.32 22.06
N GLU C 191 26.89 14.37 21.78
CA GLU C 191 26.51 15.69 22.25
C GLU C 191 25.17 16.14 21.65
N HIS C 192 24.99 15.88 20.36
CA HIS C 192 23.78 16.29 19.66
C HIS C 192 22.59 15.54 20.27
N LEU C 193 22.79 14.25 20.53
CA LEU C 193 21.74 13.40 21.14
C LEU C 193 21.35 13.95 22.49
N LEU C 194 22.33 14.23 23.34
CA LEU C 194 22.02 14.75 24.66
C LEU C 194 21.29 16.10 24.62
N LYS C 195 21.68 17.01 23.73
CA LYS C 195 21.02 18.30 23.66
C LYS C 195 19.60 18.10 23.18
N GLU C 196 19.39 17.14 22.28
CA GLU C 196 18.05 16.92 21.72
C GLU C 196 17.12 16.35 22.78
N ALA C 197 17.67 15.52 23.66
CA ALA C 197 16.87 14.93 24.72
C ALA C 197 16.31 16.03 25.62
N THR C 198 17.12 17.05 25.89
CA THR C 198 16.68 18.19 26.66
C THR C 198 15.60 18.93 25.88
N ASP C 199 15.79 19.08 24.57
CA ASP C 199 14.79 19.76 23.77
C ASP C 199 13.48 18.96 23.73
N ALA C 200 13.59 17.64 23.67
CA ALA C 200 12.40 16.79 23.65
C ALA C 200 11.58 16.98 24.94
N PHE C 201 12.25 17.10 26.08
CA PHE C 201 11.48 17.35 27.31
C PHE C 201 10.80 18.70 27.25
N VAL C 202 11.47 19.70 26.71
CA VAL C 202 10.89 21.03 26.60
C VAL C 202 9.63 21.01 25.74
N PHE C 203 9.66 20.26 24.66
CA PHE C 203 8.48 20.17 23.79
C PHE C 203 7.33 19.57 24.58
N ASN C 204 7.63 18.50 25.30
CA ASN C 204 6.60 17.82 26.06
C ASN C 204 6.06 18.74 27.15
N HIS C 205 6.91 19.55 27.75
CA HIS C 205 6.46 20.49 28.77
C HIS C 205 5.48 21.49 28.17
N GLN C 206 5.79 21.96 26.97
CA GLN C 206 4.94 22.96 26.32
C GLN C 206 3.59 22.35 25.94
N VAL C 207 3.57 21.06 25.60
CA VAL C 207 2.32 20.41 25.27
C VAL C 207 1.39 20.46 26.48
N PHE C 208 1.96 20.16 27.64
CA PHE C 208 1.17 20.16 28.87
C PHE C 208 0.79 21.57 29.31
N ALA C 209 1.66 22.54 29.06
CA ALA C 209 1.32 23.92 29.37
C ALA C 209 0.12 24.33 28.52
N ASP C 210 0.11 23.91 27.26
CA ASP C 210 -1.00 24.26 26.38
C ASP C 210 -2.28 23.58 26.84
N LEU C 211 -2.20 22.30 27.19
CA LEU C 211 -3.38 21.58 27.67
C LEU C 211 -3.95 22.20 28.94
N GLY C 212 -3.06 22.74 29.77
CA GLY C 212 -3.48 23.37 31.01
C GLY C 212 -3.99 24.77 30.70
N LYS C 213 -4.27 25.01 29.42
CA LYS C 213 -4.74 26.28 28.89
C LYS C 213 -3.82 27.42 29.27
#